data_5EXM
#
_entry.id   5EXM
#
_cell.length_a   79.100
_cell.length_b   79.100
_cell.length_c   106.600
_cell.angle_alpha   90.000
_cell.angle_beta   90.000
_cell.angle_gamma   120.000
#
_symmetry.space_group_name_H-M   'P 32 2 1'
#
loop_
_entity.id
_entity.type
_entity.pdbx_description
1 polymer 'Coagulation factor XIa light chain'
2 non-polymer 'methyl ~{N}-[4-[2-[(1~{S})-1-[[4-(aminomethyl)cyclohexyl]carbonylamino]-2-phenyl-ethyl]pyridin-4-yl]phenyl]carbamate'
3 non-polymer 'SULFATE ION'
4 non-polymer 1,2-ETHANEDIOL
5 water water
#
_entity_poly.entity_id   1
_entity_poly.type   'polypeptide(L)'
_entity_poly.pdbx_seq_one_letter_code
;IVGGTASVRGEWPWQVTLHTTSPTQRHLCGGSIIGNQWILTAAHCFYGVESPKILRVYSGILNQSEIKEDTSFFGVQEII
IHDQYKMAESGYDIALLKLETTVGYGDSQRPICLPSKGDRNVIYTDCWVTGWGYRKLRDKIQNTLQKAKIPLVTNEECQK
RYRGHKITHKMICAGYREGGKDACKGDSGGPLSCKHNEVWHLVGITSWGEGCAQRERPGVYTNVVEYVDWILEKTQAVHH
HHHH
;
_entity_poly.pdbx_strand_id   A
#
loop_
_chem_comp.id
_chem_comp.type
_chem_comp.name
_chem_comp.formula
5ST non-polymer 'methyl ~{N}-[4-[2-[(1~{S})-1-[[4-(aminomethyl)cyclohexyl]carbonylamino]-2-phenyl-ethyl]pyridin-4-yl]phenyl]carbamate' 'C29 H34 N4 O3'
EDO non-polymer 1,2-ETHANEDIOL 'C2 H6 O2'
SO4 non-polymer 'SULFATE ION' 'O4 S -2'
#
# COMPACT_ATOMS: atom_id res chain seq x y z
N ILE A 1 -5.97 -1.91 9.91
CA ILE A 1 -4.95 -1.34 10.77
C ILE A 1 -5.30 -1.66 12.23
N VAL A 2 -4.37 -2.29 12.98
CA VAL A 2 -4.52 -2.61 14.41
C VAL A 2 -3.87 -1.45 15.19
N GLY A 3 -4.52 -0.98 16.25
CA GLY A 3 -4.00 0.05 17.15
C GLY A 3 -3.86 1.44 16.56
N GLY A 4 -4.64 1.73 15.53
CA GLY A 4 -4.60 3.04 14.90
C GLY A 4 -5.79 3.89 15.30
N THR A 5 -5.99 5.02 14.61
CA THR A 5 -7.11 5.92 14.84
C THR A 5 -7.64 6.39 13.48
N ALA A 6 -8.84 6.95 13.48
CA ALA A 6 -9.51 7.46 12.30
C ALA A 6 -8.65 8.56 11.68
N SER A 7 -8.54 8.56 10.36
CA SER A 7 -7.83 9.62 9.65
C SER A 7 -8.78 10.80 9.51
N VAL A 8 -8.23 11.96 9.23
CA VAL A 8 -9.01 13.17 8.97
C VAL A 8 -9.15 13.18 7.42
N ARG A 9 -10.28 13.69 6.89
CA ARG A 9 -10.46 13.80 5.44
C ARG A 9 -9.35 14.69 4.84
N GLY A 10 -8.76 14.22 3.74
CA GLY A 10 -7.66 14.87 3.03
C GLY A 10 -6.28 14.63 3.59
N GLU A 11 -6.18 13.83 4.67
CA GLU A 11 -4.90 13.55 5.32
C GLU A 11 -3.93 12.70 4.48
N TRP A 12 -4.44 11.70 3.75
CA TRP A 12 -3.61 10.79 2.95
C TRP A 12 -4.20 10.83 1.55
N PRO A 13 -4.07 11.98 0.83
CA PRO A 13 -4.80 12.13 -0.43
C PRO A 13 -4.34 11.24 -1.58
N TRP A 14 -3.21 10.54 -1.41
CA TRP A 14 -2.69 9.55 -2.37
C TRP A 14 -3.31 8.17 -2.12
N GLN A 15 -3.93 7.95 -0.94
CA GLN A 15 -4.56 6.66 -0.61
C GLN A 15 -5.80 6.36 -1.46
N VAL A 16 -5.85 5.16 -2.08
CA VAL A 16 -7.04 4.75 -2.81
C VAL A 16 -7.55 3.45 -2.24
N THR A 17 -8.83 3.15 -2.51
CA THR A 17 -9.43 1.85 -2.23
C THR A 17 -9.67 1.22 -3.60
N LEU A 18 -9.09 0.02 -3.82
CA LEU A 18 -9.25 -0.77 -5.04
C LEU A 18 -10.39 -1.73 -4.73
N HIS A 19 -11.45 -1.67 -5.54
CA HIS A 19 -12.58 -2.56 -5.39
C HIS A 19 -12.61 -3.54 -6.53
N THR A 20 -13.14 -4.72 -6.25
CA THR A 20 -13.39 -5.73 -7.26
C THR A 20 -14.91 -5.76 -7.36
N THR A 21 -15.43 -6.10 -8.53
CA THR A 21 -16.84 -6.19 -8.89
C THR A 21 -17.31 -7.68 -8.95
N SER A 22 -16.37 -8.65 -8.96
CA SER A 22 -16.56 -10.11 -9.05
C SER A 22 -16.34 -10.86 -7.74
N PRO A 23 -17.33 -11.65 -7.23
CA PRO A 23 -18.71 -11.82 -7.75
C PRO A 23 -19.61 -10.62 -7.43
N THR A 24 -19.35 -9.95 -6.29
CA THR A 24 -20.06 -8.74 -5.83
C THR A 24 -19.01 -7.64 -5.54
N GLN A 25 -19.44 -6.38 -5.49
CA GLN A 25 -18.52 -5.28 -5.25
C GLN A 25 -18.08 -5.18 -3.81
N ARG A 26 -16.74 -5.20 -3.62
CA ARG A 26 -16.15 -5.12 -2.29
C ARG A 26 -14.74 -4.54 -2.40
N HIS A 27 -14.24 -3.96 -1.30
CA HIS A 27 -12.87 -3.47 -1.17
C HIS A 27 -11.97 -4.71 -1.33
N LEU A 28 -10.91 -4.59 -2.14
CA LEU A 28 -9.93 -5.65 -2.38
C LEU A 28 -8.60 -5.33 -1.72
N CYS A 29 -8.07 -4.12 -1.99
CA CYS A 29 -6.75 -3.70 -1.54
C CYS A 29 -6.65 -2.19 -1.45
N GLY A 30 -5.58 -1.74 -0.82
CA GLY A 30 -5.19 -0.33 -0.84
C GLY A 30 -4.29 -0.08 -2.05
N GLY A 31 -3.98 1.19 -2.30
CA GLY A 31 -3.09 1.60 -3.38
C GLY A 31 -2.72 3.04 -3.17
N SER A 32 -1.76 3.52 -3.96
CA SER A 32 -1.32 4.91 -3.87
C SER A 32 -1.26 5.55 -5.23
N ILE A 33 -1.74 6.79 -5.32
CA ILE A 33 -1.62 7.58 -6.55
C ILE A 33 -0.17 8.01 -6.68
N ILE A 34 0.50 7.70 -7.80
CA ILE A 34 1.89 8.13 -8.00
C ILE A 34 2.07 9.00 -9.26
N GLY A 35 1.04 9.05 -10.07
CA GLY A 35 1.01 9.79 -11.34
C GLY A 35 -0.45 9.96 -11.73
N ASN A 36 -0.73 10.81 -12.74
CA ASN A 36 -2.13 11.09 -13.08
C ASN A 36 -2.93 9.97 -13.71
N GLN A 37 -2.24 8.89 -14.11
CA GLN A 37 -2.96 7.71 -14.62
C GLN A 37 -2.41 6.43 -13.97
N TRP A 38 -1.69 6.59 -12.84
CA TRP A 38 -0.98 5.49 -12.19
C TRP A 38 -1.24 5.27 -10.70
N ILE A 39 -1.58 4.01 -10.38
CA ILE A 39 -1.75 3.53 -9.01
C ILE A 39 -0.65 2.51 -8.73
N LEU A 40 0.08 2.67 -7.63
CA LEU A 40 1.07 1.66 -7.23
C LEU A 40 0.43 0.84 -6.10
N THR A 41 0.51 -0.49 -6.21
CA THR A 41 -0.12 -1.41 -5.25
C THR A 41 0.69 -2.72 -5.20
N ALA A 42 0.14 -3.75 -4.53
CA ALA A 42 0.81 -5.03 -4.38
C ALA A 42 0.36 -6.02 -5.46
N ALA A 43 1.30 -6.81 -5.98
CA ALA A 43 1.00 -7.82 -7.00
C ALA A 43 0.08 -8.92 -6.45
N HIS A 44 0.20 -9.31 -5.15
CA HIS A 44 -0.64 -10.39 -4.58
C HIS A 44 -2.15 -10.10 -4.60
N CYS A 45 -2.52 -8.81 -4.68
CA CYS A 45 -3.93 -8.36 -4.76
C CYS A 45 -4.65 -8.97 -5.94
N PHE A 46 -3.89 -9.31 -7.02
CA PHE A 46 -4.44 -9.81 -8.28
C PHE A 46 -4.54 -11.31 -8.44
N TYR A 47 -4.34 -12.08 -7.33
CA TYR A 47 -4.47 -13.54 -7.38
C TYR A 47 -5.88 -13.90 -7.91
N GLY A 48 -5.94 -14.65 -9.00
CA GLY A 48 -7.21 -15.02 -9.61
C GLY A 48 -7.97 -13.90 -10.35
N VAL A 49 -7.42 -12.65 -10.38
CA VAL A 49 -8.04 -11.52 -11.12
C VAL A 49 -7.66 -11.75 -12.59
N GLU A 50 -8.63 -12.18 -13.38
CA GLU A 50 -8.46 -12.54 -14.80
C GLU A 50 -8.50 -11.36 -15.76
N SER A 51 -9.07 -10.22 -15.34
CA SER A 51 -9.25 -9.07 -16.22
C SER A 51 -9.25 -7.75 -15.45
N PRO A 52 -8.73 -6.65 -16.02
CA PRO A 52 -8.83 -5.35 -15.32
C PRO A 52 -10.25 -4.76 -15.34
N LYS A 53 -11.18 -5.39 -16.09
CA LYS A 53 -12.59 -4.97 -16.25
C LYS A 53 -13.41 -5.04 -14.98
N ILE A 54 -13.01 -5.93 -14.05
CA ILE A 54 -13.73 -6.10 -12.77
C ILE A 54 -13.21 -5.15 -11.69
N LEU A 55 -12.23 -4.29 -12.01
CA LEU A 55 -11.62 -3.38 -11.03
C LEU A 55 -12.16 -1.97 -11.10
N ARG A 56 -12.22 -1.31 -9.93
CA ARG A 56 -12.64 0.08 -9.79
C ARG A 56 -11.74 0.74 -8.77
N VAL A 57 -11.16 1.87 -9.13
CA VAL A 57 -10.29 2.63 -8.22
C VAL A 57 -11.06 3.84 -7.73
N TYR A 58 -11.18 4.00 -6.42
CA TYR A 58 -11.87 5.15 -5.82
C TYR A 58 -10.83 5.97 -5.08
N SER A 59 -10.71 7.25 -5.45
CA SER A 59 -9.81 8.21 -4.83
C SER A 59 -10.67 9.21 -4.06
N GLY A 60 -10.04 9.99 -3.19
CA GLY A 60 -10.72 11.03 -2.40
C GLY A 60 -11.76 10.47 -1.46
N ILE A 61 -11.54 9.24 -0.98
CA ILE A 61 -12.50 8.57 -0.08
C ILE A 61 -11.94 8.58 1.33
N LEU A 62 -12.77 8.99 2.31
CA LEU A 62 -12.42 8.81 3.70
C LEU A 62 -13.18 7.55 4.19
N ASN A 63 -14.50 7.52 3.93
CA ASN A 63 -15.40 6.45 4.39
C ASN A 63 -15.85 5.54 3.27
N GLN A 64 -15.79 4.21 3.47
CA GLN A 64 -16.29 3.26 2.46
C GLN A 64 -17.79 3.49 2.15
N SER A 65 -18.57 4.01 3.13
CA SER A 65 -20.00 4.31 2.92
C SER A 65 -20.25 5.43 1.88
N GLU A 66 -19.17 6.18 1.48
CA GLU A 66 -19.27 7.22 0.43
C GLU A 66 -19.48 6.54 -0.93
N ILE A 67 -19.11 5.25 -1.02
CA ILE A 67 -19.20 4.48 -2.26
C ILE A 67 -20.57 3.84 -2.47
N LYS A 68 -21.28 4.32 -3.48
CA LYS A 68 -22.57 3.79 -3.91
C LYS A 68 -22.44 3.55 -5.41
N GLU A 69 -23.50 3.04 -6.06
CA GLU A 69 -23.49 2.79 -7.51
C GLU A 69 -23.31 4.07 -8.33
N ASP A 70 -23.74 5.23 -7.79
CA ASP A 70 -23.65 6.52 -8.47
C ASP A 70 -22.31 7.26 -8.18
N THR A 71 -21.42 6.64 -7.38
CA THR A 71 -20.12 7.23 -7.03
C THR A 71 -19.15 7.07 -8.19
N SER A 72 -18.45 8.16 -8.55
CA SER A 72 -17.48 8.09 -9.64
C SER A 72 -16.25 7.29 -9.20
N PHE A 73 -15.58 6.65 -10.16
CA PHE A 73 -14.41 5.82 -9.94
C PHE A 73 -13.55 5.88 -11.21
N PHE A 74 -12.34 5.34 -11.14
CA PHE A 74 -11.45 5.23 -12.28
C PHE A 74 -11.44 3.75 -12.70
N GLY A 75 -11.67 3.50 -13.99
CA GLY A 75 -11.56 2.17 -14.57
C GLY A 75 -10.08 1.84 -14.72
N VAL A 76 -9.75 0.57 -14.84
CA VAL A 76 -8.35 0.15 -14.99
C VAL A 76 -8.14 -0.34 -16.43
N GLN A 77 -7.22 0.29 -17.14
CA GLN A 77 -6.87 -0.07 -18.50
C GLN A 77 -5.93 -1.28 -18.51
N GLU A 78 -4.98 -1.30 -17.57
CA GLU A 78 -3.97 -2.35 -17.56
C GLU A 78 -3.46 -2.62 -16.16
N ILE A 79 -3.20 -3.90 -15.86
CA ILE A 79 -2.58 -4.36 -14.62
C ILE A 79 -1.15 -4.75 -15.01
N ILE A 80 -0.14 -4.11 -14.41
CA ILE A 80 1.26 -4.44 -14.69
C ILE A 80 1.84 -5.03 -13.42
N ILE A 81 2.13 -6.32 -13.43
CA ILE A 81 2.72 -7.02 -12.29
C ILE A 81 4.20 -7.24 -12.59
N HIS A 82 5.07 -7.01 -11.59
CA HIS A 82 6.51 -7.26 -11.78
C HIS A 82 6.69 -8.70 -12.32
N ASP A 83 7.47 -8.87 -13.40
CA ASP A 83 7.59 -10.21 -13.99
C ASP A 83 8.39 -11.23 -13.19
N GLN A 84 9.05 -10.81 -12.11
CA GLN A 84 9.78 -11.73 -11.23
C GLN A 84 8.91 -12.17 -10.04
N TYR A 85 7.72 -11.57 -9.88
CA TYR A 85 6.79 -11.87 -8.80
C TYR A 85 6.29 -13.32 -8.84
N LYS A 86 6.38 -14.03 -7.71
CA LYS A 86 5.83 -15.38 -7.54
C LYS A 86 4.84 -15.33 -6.37
N MET A 87 5.24 -14.73 -5.24
CA MET A 87 4.39 -14.64 -4.04
C MET A 87 4.90 -13.53 -3.16
N ALA A 88 4.05 -12.96 -2.29
CA ALA A 88 4.44 -11.84 -1.41
C ALA A 88 5.67 -12.18 -0.59
N GLU A 89 5.73 -13.40 -0.02
CA GLU A 89 6.85 -13.84 0.84
C GLU A 89 8.20 -13.91 0.14
N SER A 90 8.21 -14.02 -1.19
CA SER A 90 9.47 -14.07 -1.96
C SER A 90 9.85 -12.72 -2.54
N GLY A 91 9.03 -11.69 -2.35
CA GLY A 91 9.35 -10.36 -2.87
C GLY A 91 8.79 -10.07 -4.24
N TYR A 92 9.22 -8.92 -4.84
CA TYR A 92 8.73 -8.40 -6.13
C TYR A 92 7.22 -8.16 -6.05
N ASP A 93 6.71 -7.90 -4.83
CA ASP A 93 5.27 -7.72 -4.59
C ASP A 93 4.90 -6.28 -4.89
N ILE A 94 4.88 -6.00 -6.19
CA ILE A 94 4.60 -4.67 -6.70
C ILE A 94 3.86 -4.76 -8.03
N ALA A 95 2.88 -3.87 -8.19
CA ALA A 95 2.10 -3.80 -9.42
C ALA A 95 1.70 -2.37 -9.66
N LEU A 96 1.46 -2.04 -10.91
CA LEU A 96 0.96 -0.75 -11.35
C LEU A 96 -0.38 -0.95 -12.01
N LEU A 97 -1.30 -0.03 -11.77
CA LEU A 97 -2.59 0.00 -12.45
C LEU A 97 -2.55 1.22 -13.33
N LYS A 98 -2.70 1.04 -14.64
CA LYS A 98 -2.80 2.16 -15.56
C LYS A 98 -4.29 2.46 -15.65
N LEU A 99 -4.68 3.69 -15.30
CA LEU A 99 -6.09 4.07 -15.28
C LEU A 99 -6.60 4.47 -16.69
N GLU A 100 -7.90 4.21 -16.95
CA GLU A 100 -8.54 4.52 -18.23
C GLU A 100 -8.65 6.02 -18.47
N THR A 101 -8.78 6.82 -17.40
CA THR A 101 -8.85 8.28 -17.44
C THR A 101 -7.85 8.84 -16.45
N THR A 102 -7.63 10.14 -16.55
CA THR A 102 -6.68 10.96 -15.82
C THR A 102 -7.29 11.47 -14.48
N VAL A 103 -6.51 11.35 -13.39
CA VAL A 103 -6.91 11.85 -12.07
C VAL A 103 -6.70 13.37 -12.08
N GLY A 104 -7.73 14.14 -11.76
CA GLY A 104 -7.63 15.58 -11.63
C GLY A 104 -7.14 15.85 -10.20
N TYR A 105 -5.94 16.41 -10.05
CA TYR A 105 -5.35 16.66 -8.73
C TYR A 105 -6.08 17.80 -8.01
N GLY A 106 -6.17 17.69 -6.69
CA GLY A 106 -6.80 18.70 -5.85
C GLY A 106 -6.55 18.35 -4.40
N ASP A 107 -7.18 19.10 -3.48
CA ASP A 107 -7.02 18.90 -2.03
C ASP A 107 -7.47 17.53 -1.50
N SER A 108 -8.31 16.77 -2.26
CA SER A 108 -8.78 15.43 -1.86
C SER A 108 -8.02 14.26 -2.51
N GLN A 109 -7.28 14.52 -3.59
CA GLN A 109 -6.57 13.47 -4.35
C GLN A 109 -5.39 14.06 -5.07
N ARG A 110 -4.21 13.58 -4.71
CA ARG A 110 -2.96 14.04 -5.32
C ARG A 110 -1.89 12.96 -5.14
N PRO A 111 -0.75 13.04 -5.85
CA PRO A 111 0.23 11.94 -5.76
C PRO A 111 1.20 12.06 -4.59
N ILE A 112 1.78 10.92 -4.21
CA ILE A 112 2.83 10.90 -3.22
C ILE A 112 4.14 10.75 -4.03
N CYS A 113 5.21 11.46 -3.61
CA CYS A 113 6.54 11.38 -4.21
C CYS A 113 7.10 9.98 -3.96
N LEU A 114 7.81 9.48 -4.94
CA LEU A 114 8.51 8.21 -4.81
C LEU A 114 9.81 8.56 -4.08
N PRO A 115 10.48 7.60 -3.41
CA PRO A 115 11.76 7.93 -2.76
C PRO A 115 12.84 8.26 -3.78
N SER A 116 13.85 9.01 -3.36
CA SER A 116 14.99 9.34 -4.23
C SER A 116 16.04 8.25 -4.04
N LYS A 117 16.77 7.90 -5.12
CA LYS A 117 17.86 6.90 -5.12
C LYS A 117 18.98 7.31 -4.14
N GLY A 118 19.25 8.62 -4.07
CA GLY A 118 20.22 9.21 -3.16
C GLY A 118 19.77 9.13 -1.71
N ASP A 119 18.44 9.13 -1.50
CA ASP A 119 17.80 9.04 -0.19
C ASP A 119 17.67 7.59 0.35
N ARG A 120 18.35 6.61 -0.30
CA ARG A 120 18.36 5.21 0.16
C ARG A 120 19.11 5.09 1.51
N ASN A 121 19.96 6.09 1.83
CA ASN A 121 20.74 6.19 3.05
C ASN A 121 20.03 6.96 4.19
N VAL A 122 19.00 7.79 3.87
CA VAL A 122 18.26 8.57 4.89
C VAL A 122 17.49 7.68 5.88
N ILE A 123 17.43 8.13 7.14
CA ILE A 123 16.74 7.40 8.21
C ILE A 123 15.37 8.03 8.40
N TYR A 124 14.31 7.30 8.02
CA TYR A 124 12.95 7.80 8.17
C TYR A 124 12.49 7.53 9.59
N THR A 125 12.04 8.58 10.27
CA THR A 125 11.63 8.51 11.67
C THR A 125 10.16 8.84 11.90
N ASP A 126 9.44 9.21 10.82
CA ASP A 126 8.01 9.60 10.90
C ASP A 126 7.24 8.86 9.77
N CYS A 127 6.97 7.54 10.00
CA CYS A 127 6.32 6.63 9.06
C CYS A 127 4.95 6.20 9.52
N TRP A 128 3.98 6.23 8.59
CA TRP A 128 2.59 5.88 8.89
C TRP A 128 2.03 4.84 7.90
N VAL A 129 1.30 3.86 8.43
CA VAL A 129 0.63 2.85 7.62
C VAL A 129 -0.88 3.15 7.71
N THR A 130 -1.55 3.15 6.55
CA THR A 130 -2.96 3.51 6.44
C THR A 130 -3.75 2.45 5.69
N GLY A 131 -5.04 2.38 5.99
CA GLY A 131 -5.92 1.44 5.30
C GLY A 131 -7.27 1.23 5.94
N TRP A 132 -8.14 0.51 5.22
CA TRP A 132 -9.49 0.16 5.67
C TRP A 132 -9.50 -1.29 6.19
N GLY A 133 -8.33 -1.89 6.40
CA GLY A 133 -8.21 -3.27 6.85
C GLY A 133 -8.71 -3.51 8.27
N TYR A 134 -8.66 -4.78 8.69
CA TYR A 134 -9.11 -5.26 9.99
C TYR A 134 -8.35 -4.57 11.13
N ARG A 135 -9.00 -4.41 12.29
CA ARG A 135 -8.42 -3.82 13.52
C ARG A 135 -7.93 -4.91 14.47
N LYS A 136 -8.22 -6.18 14.12
CA LYS A 136 -7.87 -7.39 14.87
C LYS A 136 -7.93 -8.56 13.90
N LEU A 137 -7.27 -9.67 14.23
CA LEU A 137 -7.20 -10.86 13.38
C LEU A 137 -8.51 -11.23 12.69
N ARG A 138 -9.60 -11.40 13.46
CA ARG A 138 -10.88 -11.68 12.83
C ARG A 138 -11.80 -10.52 13.08
N ASP A 139 -11.97 -9.73 12.01
CA ASP A 139 -12.73 -8.51 12.04
C ASP A 139 -13.36 -8.35 10.67
N LYS A 140 -13.64 -7.12 10.29
CA LYS A 140 -14.21 -6.80 9.01
C LYS A 140 -13.53 -5.53 8.52
N ILE A 141 -13.66 -5.23 7.23
CA ILE A 141 -13.12 -4.02 6.59
C ILE A 141 -13.75 -2.82 7.30
N GLN A 142 -12.93 -1.84 7.65
CA GLN A 142 -13.39 -0.66 8.37
C GLN A 142 -14.05 0.36 7.45
N ASN A 143 -15.02 1.12 7.97
CA ASN A 143 -15.67 2.18 7.18
C ASN A 143 -14.70 3.34 6.99
N THR A 144 -14.09 3.83 8.10
CA THR A 144 -13.19 4.99 8.09
C THR A 144 -11.76 4.58 7.93
N LEU A 145 -11.02 5.28 7.03
CA LEU A 145 -9.59 5.07 6.81
C LEU A 145 -8.86 5.25 8.14
N GLN A 146 -8.08 4.23 8.53
CA GLN A 146 -7.28 4.26 9.76
C GLN A 146 -5.83 4.57 9.48
N LYS A 147 -5.12 5.06 10.50
CA LYS A 147 -3.71 5.39 10.42
C LYS A 147 -3.02 4.94 11.69
N ALA A 148 -1.73 4.57 11.58
CA ALA A 148 -0.91 4.21 12.73
C ALA A 148 0.52 4.57 12.43
N LYS A 149 1.21 5.18 13.41
CA LYS A 149 2.63 5.53 13.26
C LYS A 149 3.42 4.30 13.68
N ILE A 150 4.33 3.86 12.82
CA ILE A 150 5.11 2.63 13.04
C ILE A 150 6.59 2.90 12.83
N PRO A 151 7.51 2.43 13.71
CA PRO A 151 8.93 2.65 13.43
C PRO A 151 9.46 1.64 12.41
N LEU A 152 10.36 2.09 11.55
CA LEU A 152 11.07 1.25 10.59
C LEU A 152 12.07 0.39 11.40
N VAL A 153 12.30 -0.83 10.95
CA VAL A 153 13.21 -1.77 11.61
C VAL A 153 14.29 -2.15 10.58
N THR A 154 15.55 -2.42 11.01
CA THR A 154 16.62 -2.80 10.05
C THR A 154 16.29 -4.17 9.48
N ASN A 155 16.80 -4.48 8.29
CA ASN A 155 16.60 -5.81 7.70
C ASN A 155 17.20 -6.92 8.55
N GLU A 156 18.34 -6.66 9.24
CA GLU A 156 18.98 -7.64 10.14
C GLU A 156 18.04 -7.98 11.29
N GLU A 157 17.39 -6.97 11.87
CA GLU A 157 16.43 -7.13 12.95
C GLU A 157 15.17 -7.86 12.43
N CYS A 158 14.69 -7.47 11.24
CA CYS A 158 13.52 -8.14 10.64
C CYS A 158 13.79 -9.61 10.34
N GLN A 159 15.01 -9.93 9.85
CA GLN A 159 15.41 -11.31 9.55
C GLN A 159 15.39 -12.19 10.84
N LYS A 160 15.81 -11.63 12.00
CA LYS A 160 15.75 -12.35 13.30
C LYS A 160 14.30 -12.72 13.64
N ARG A 161 13.34 -11.88 13.24
CA ARG A 161 11.91 -12.06 13.54
C ARG A 161 11.22 -13.02 12.59
N TYR A 162 11.86 -13.33 11.47
CA TYR A 162 11.31 -14.22 10.45
C TYR A 162 12.25 -15.38 10.11
N ARG A 163 12.52 -16.23 11.11
CA ARG A 163 13.32 -17.43 10.94
C ARG A 163 12.58 -18.35 9.94
N GLY A 164 13.33 -18.88 8.98
CA GLY A 164 12.77 -19.74 7.95
C GLY A 164 12.36 -19.01 6.70
N HIS A 165 12.38 -17.66 6.75
CA HIS A 165 12.09 -16.81 5.58
C HIS A 165 13.37 -16.12 5.17
N LYS A 166 13.36 -15.51 3.99
CA LYS A 166 14.49 -14.74 3.54
C LYS A 166 14.02 -13.30 3.37
N ILE A 167 14.40 -12.43 4.30
CA ILE A 167 14.07 -11.00 4.20
C ILE A 167 15.17 -10.35 3.34
N THR A 168 14.81 -9.97 2.12
CA THR A 168 15.75 -9.39 1.16
C THR A 168 15.84 -7.88 1.32
N HIS A 169 16.84 -7.23 0.68
CA HIS A 169 16.95 -5.77 0.74
C HIS A 169 15.89 -5.08 -0.11
N LYS A 170 15.11 -5.87 -0.91
CA LYS A 170 13.96 -5.35 -1.67
C LYS A 170 12.67 -5.34 -0.79
N MET A 171 12.81 -5.73 0.48
CA MET A 171 11.77 -5.69 1.50
C MET A 171 12.19 -4.72 2.59
N ILE A 172 11.21 -4.12 3.26
CA ILE A 172 11.47 -3.24 4.39
C ILE A 172 10.43 -3.57 5.47
N CYS A 173 10.86 -3.62 6.74
CA CYS A 173 9.97 -3.97 7.83
C CYS A 173 9.70 -2.83 8.77
N ALA A 174 8.52 -2.87 9.40
CA ALA A 174 8.12 -1.84 10.34
C ALA A 174 7.26 -2.48 11.41
N GLY A 175 7.56 -2.13 12.65
CA GLY A 175 6.80 -2.61 13.79
C GLY A 175 7.48 -2.32 15.10
N TYR A 176 6.72 -2.48 16.21
CA TYR A 176 7.19 -2.33 17.58
C TYR A 176 7.55 -3.73 18.07
N ARG A 177 8.64 -3.85 18.86
CA ARG A 177 9.06 -5.14 19.41
C ARG A 177 7.91 -5.81 20.20
N GLU A 178 7.10 -5.01 20.91
CA GLU A 178 6.00 -5.55 21.71
C GLU A 178 4.68 -5.64 20.94
N GLY A 179 4.69 -5.26 19.65
CA GLY A 179 3.49 -5.29 18.80
C GLY A 179 2.53 -4.17 19.15
N GLY A 180 1.25 -4.38 18.86
CA GLY A 180 0.21 -3.41 19.18
C GLY A 180 -0.26 -2.53 18.03
N LYS A 181 0.66 -2.15 17.12
CA LYS A 181 0.32 -1.32 15.97
C LYS A 181 0.87 -1.96 14.69
N ASP A 182 0.02 -2.13 13.68
CA ASP A 182 0.45 -2.81 12.43
C ASP A 182 -0.64 -2.74 11.38
N ALA A 183 -0.28 -3.13 10.17
CA ALA A 183 -1.22 -3.35 9.10
C ALA A 183 -1.91 -4.68 9.41
N CYS A 184 -3.12 -4.88 8.88
CA CYS A 184 -3.83 -6.13 9.03
C CYS A 184 -4.60 -6.43 7.74
N LYS A 185 -5.36 -7.53 7.71
CA LYS A 185 -6.11 -8.00 6.51
C LYS A 185 -6.95 -6.88 5.85
N GLY A 186 -6.67 -6.62 4.57
CA GLY A 186 -7.36 -5.56 3.82
C GLY A 186 -6.55 -4.29 3.67
N ASP A 187 -5.41 -4.20 4.37
CA ASP A 187 -4.53 -3.03 4.25
C ASP A 187 -3.52 -3.20 3.12
N SER A 188 -3.28 -4.46 2.68
CA SER A 188 -2.26 -4.76 1.67
C SER A 188 -2.41 -3.95 0.39
N GLY A 189 -1.27 -3.59 -0.20
CA GLY A 189 -1.25 -2.78 -1.41
C GLY A 189 -1.20 -1.29 -1.10
N GLY A 190 -1.59 -0.94 0.12
CA GLY A 190 -1.61 0.45 0.56
C GLY A 190 -0.22 0.98 0.86
N PRO A 191 -0.13 2.28 1.18
CA PRO A 191 1.18 2.87 1.43
C PRO A 191 1.73 2.76 2.85
N LEU A 192 3.06 2.83 2.95
CA LEU A 192 3.81 3.09 4.16
C LEU A 192 4.46 4.45 3.77
N SER A 193 3.89 5.54 4.29
CA SER A 193 4.27 6.93 3.95
C SER A 193 5.13 7.52 5.05
N CYS A 194 6.31 8.06 4.68
CA CYS A 194 7.27 8.64 5.64
C CYS A 194 7.52 10.12 5.31
N LYS A 195 7.45 10.99 6.32
CA LYS A 195 7.67 12.42 6.12
C LYS A 195 9.14 12.76 6.38
N HIS A 196 9.79 13.41 5.41
CA HIS A 196 11.20 13.79 5.49
C HIS A 196 11.36 15.13 4.77
N ASN A 197 11.90 16.14 5.50
CA ASN A 197 12.10 17.52 5.02
C ASN A 197 10.77 18.10 4.51
N GLU A 198 9.72 17.96 5.33
CA GLU A 198 8.33 18.39 5.07
C GLU A 198 7.65 17.74 3.84
N VAL A 199 8.27 16.71 3.26
CA VAL A 199 7.75 16.01 2.06
C VAL A 199 7.46 14.53 2.41
N TRP A 200 6.27 14.04 2.02
CA TRP A 200 5.91 12.64 2.24
C TRP A 200 6.43 11.82 1.10
N HIS A 201 7.02 10.67 1.41
CA HIS A 201 7.57 9.76 0.39
C HIS A 201 6.97 8.39 0.56
N LEU A 202 6.69 7.71 -0.57
CA LEU A 202 6.16 6.36 -0.56
C LEU A 202 7.31 5.40 -0.31
N VAL A 203 7.53 5.05 0.97
CA VAL A 203 8.64 4.18 1.36
C VAL A 203 8.33 2.69 1.18
N GLY A 204 7.11 2.30 1.51
CA GLY A 204 6.74 0.90 1.39
C GLY A 204 5.37 0.65 0.85
N ILE A 205 5.14 -0.59 0.40
CA ILE A 205 3.83 -1.08 -0.02
C ILE A 205 3.52 -2.23 0.94
N THR A 206 2.39 -2.14 1.67
CA THR A 206 1.95 -3.17 2.65
C THR A 206 1.85 -4.52 1.92
N SER A 207 2.63 -5.51 2.37
CA SER A 207 2.77 -6.77 1.66
C SER A 207 2.34 -7.99 2.47
N TRP A 208 3.11 -8.34 3.50
CA TRP A 208 2.78 -9.54 4.30
C TRP A 208 3.31 -9.45 5.74
N GLY A 209 2.98 -10.45 6.54
CA GLY A 209 3.46 -10.57 7.91
C GLY A 209 2.93 -11.83 8.56
N GLU A 210 3.46 -12.19 9.75
CA GLU A 210 2.91 -13.36 10.49
C GLU A 210 1.88 -12.78 11.47
N GLY A 211 0.60 -12.92 11.12
CA GLY A 211 -0.50 -12.36 11.89
C GLY A 211 -0.54 -10.85 11.79
N CYS A 212 -1.15 -10.18 12.79
CA CYS A 212 -1.28 -8.71 12.82
C CYS A 212 -0.89 -8.18 14.19
N ALA A 213 0.05 -7.21 14.24
CA ALA A 213 0.49 -6.54 15.47
C ALA A 213 0.98 -7.46 16.59
N GLN A 214 1.51 -8.65 16.22
CA GLN A 214 2.04 -9.57 17.23
C GLN A 214 3.43 -9.11 17.66
N ARG A 215 3.78 -9.41 18.89
CA ARG A 215 5.09 -9.13 19.47
C ARG A 215 6.15 -9.79 18.55
N GLU A 216 7.23 -9.06 18.25
CA GLU A 216 8.36 -9.56 17.47
C GLU A 216 8.00 -10.11 16.08
N ARG A 217 6.95 -9.56 15.46
CA ARG A 217 6.52 -9.96 14.11
C ARG A 217 6.17 -8.67 13.35
N PRO A 218 7.18 -7.87 12.91
CA PRO A 218 6.84 -6.63 12.19
C PRO A 218 6.19 -6.87 10.83
N GLY A 219 5.42 -5.90 10.35
CA GLY A 219 4.81 -5.95 9.02
C GLY A 219 5.93 -5.90 8.00
N VAL A 220 5.82 -6.68 6.90
CA VAL A 220 6.84 -6.69 5.82
C VAL A 220 6.23 -5.94 4.66
N TYR A 221 7.02 -5.04 4.07
CA TYR A 221 6.62 -4.13 3.00
C TYR A 221 7.53 -4.24 1.80
N THR A 222 7.00 -3.95 0.61
CA THR A 222 7.87 -3.85 -0.59
C THR A 222 8.70 -2.56 -0.38
N ASN A 223 10.03 -2.65 -0.51
CA ASN A 223 10.92 -1.49 -0.32
C ASN A 223 10.93 -0.69 -1.60
N VAL A 224 10.07 0.34 -1.68
CA VAL A 224 9.84 1.13 -2.91
C VAL A 224 11.11 1.72 -3.57
N VAL A 225 12.06 2.23 -2.77
CA VAL A 225 13.31 2.79 -3.32
C VAL A 225 14.01 1.81 -4.31
N GLU A 226 13.95 0.48 -4.02
CA GLU A 226 14.57 -0.58 -4.84
C GLU A 226 13.83 -0.86 -6.14
N TYR A 227 12.68 -0.21 -6.35
CA TYR A 227 11.87 -0.39 -7.55
C TYR A 227 11.61 0.89 -8.34
N VAL A 228 12.26 2.01 -7.98
CA VAL A 228 12.10 3.29 -8.69
C VAL A 228 12.43 3.12 -10.20
N ASP A 229 13.54 2.43 -10.56
CA ASP A 229 13.83 2.23 -11.98
C ASP A 229 12.76 1.40 -12.67
N TRP A 230 12.22 0.37 -11.99
CA TRP A 230 11.17 -0.46 -12.59
C TRP A 230 9.90 0.38 -12.79
N ILE A 231 9.53 1.23 -11.81
CA ILE A 231 8.33 2.09 -11.94
C ILE A 231 8.48 3.04 -13.13
N LEU A 232 9.64 3.72 -13.22
CA LEU A 232 9.93 4.63 -14.35
C LEU A 232 9.95 3.88 -15.66
N GLU A 233 10.48 2.64 -15.70
CA GLU A 233 10.46 1.81 -16.92
C GLU A 233 9.02 1.66 -17.46
N LYS A 234 8.13 1.34 -16.55
CA LYS A 234 6.73 1.06 -16.88
C LYS A 234 5.90 2.31 -17.15
N THR A 235 6.09 3.39 -16.37
CA THR A 235 5.29 4.63 -16.50
C THR A 235 5.84 5.61 -17.54
N GLN A 236 7.16 5.54 -17.86
CA GLN A 236 7.79 6.47 -18.81
C GLN A 236 8.16 5.76 -20.12
N ALA A 237 7.52 4.61 -20.41
CA ALA A 237 7.75 3.85 -21.65
C ALA A 237 7.44 4.74 -22.87
N VAL A 238 8.35 4.74 -23.87
CA VAL A 238 8.18 5.57 -25.08
C VAL A 238 7.11 5.09 -26.06
C13 5ST B . -9.13 -9.12 2.74
C18 5ST B . -3.00 -8.44 4.12
C17 5ST B . -5.53 -10.05 2.89
C16 5ST B . -11.54 -7.82 2.02
C15 5ST B . -4.87 -10.52 0.02
C19 5ST B . -14.01 -7.31 2.24
C20 5ST B . -0.99 -7.21 4.92
C21 5ST B . -2.14 -8.92 6.47
C22 5ST B . 0.21 -7.16 5.88
C23 5ST B . -0.89 -8.89 7.37
C24 5ST B . -1.79 -8.53 5.02
C11 5ST B . -6.69 -9.36 2.57
C12 5ST B . -6.72 -11.68 4.03
C27 5ST B . -3.78 -10.44 1.07
C1 5ST B . -6.98 -10.59 -1.84
C2 5ST B . -6.19 -9.44 -1.71
C3 5ST B . -6.71 -11.71 -1.03
C4 5ST B . -9.20 -8.35 1.57
C5 5ST B . -10.27 -9.25 3.55
C6 5ST B . -5.15 -9.40 -0.78
C7 5ST B . -5.67 -11.66 -0.09
C8 5ST B . -10.38 -7.68 1.22
C9 5ST B . -11.48 -8.63 3.18
C10 5ST B . -7.94 -11.04 3.78
C14 5ST B . -7.89 -9.82 3.08
C25 5ST B . -0.21 -7.50 7.33
C26 5ST B . -16.27 -6.46 2.15
C28 5ST B . 0.99 -7.40 8.29
C29 5ST B . -4.21 -9.57 2.28
N30 5ST B . -5.53 -11.22 3.59
N31 5ST B . 0.59 -7.66 9.64
N32 5ST B . -12.75 -7.22 1.63
N33 5ST B . -3.12 -9.48 3.24
O34 5ST B . -3.77 -7.48 4.16
O35 5ST B . -14.27 -7.94 3.27
O36 5ST B . -14.96 -6.55 1.58
S SO4 C . 16.84 -10.76 20.57
O1 SO4 C . 18.01 -11.45 21.12
O2 SO4 C . 15.96 -11.74 19.95
O3 SO4 C . 17.29 -9.78 19.58
O4 SO4 C . 16.12 -10.08 21.63
S SO4 D . -8.45 10.57 3.20
O1 SO4 D . -8.62 9.38 2.43
O2 SO4 D . -8.03 10.28 4.61
O3 SO4 D . -9.77 11.30 3.25
O4 SO4 D . -7.37 11.41 2.55
C1 EDO E . -3.36 17.42 -12.86
O1 EDO E . -4.62 17.59 -12.21
C2 EDO E . -3.12 15.93 -13.14
O2 EDO E . -4.14 15.38 -13.99
C1 EDO F . -15.40 15.44 6.48
O1 EDO F . -14.79 16.57 7.13
C2 EDO F . -15.73 14.30 7.44
O2 EDO F . -16.55 13.35 6.74
C1 EDO G . 2.46 -14.84 4.78
O1 EDO G . 1.21 -14.19 4.97
C2 EDO G . 2.66 -15.88 5.88
O2 EDO G . 2.58 -15.23 7.14
C1 EDO H . 19.14 -9.98 -0.40
O1 EDO H . 19.51 -8.86 0.40
C2 EDO H . 19.19 -9.62 -1.88
O2 EDO H . 18.34 -8.50 -2.15
C1 EDO I . 14.82 -9.58 -3.94
O1 EDO I . 15.21 -10.93 -4.25
C2 EDO I . 13.31 -9.46 -3.90
O2 EDO I . 12.76 -10.04 -2.72
#